data_3BLR
#
_entry.id   3BLR
#
_cell.length_a   173.922
_cell.length_b   173.922
_cell.length_c   97.173
_cell.angle_alpha   90.00
_cell.angle_beta   90.00
_cell.angle_gamma   120.00
#
_symmetry.space_group_name_H-M   'H 3'
#
loop_
_entity.id
_entity.type
_entity.pdbx_description
1 polymer 'Cell division protein kinase 9'
2 polymer Cyclin-T1
3 non-polymer 'PHOSPHATE ION'
4 non-polymer 2-(2-CHLORO-PHENYL)-5,7-DIHYDROXY-8-(3-HYDROXY-1-METHYL-PIPERIDIN-4-YL)-4H-BENZOPYRAN-4-ONE
5 water water
#
loop_
_entity_poly.entity_id
_entity_poly.type
_entity_poly.pdbx_seq_one_letter_code
_entity_poly.pdbx_strand_id
1 'polypeptide(L)'
;GPAKQYDSVECPFCDEVSKYEKLAKIGQGTFGEVFKARHRKTGQKVALKKVLMENEKEGFPITALREIKILQLLKHENVV
NLIEICRTKASPYNRCKGSIYLVFDFCEHDLAGLLSNVLVKFTLSEIKRVMQMLLNGLYYIHRNKILHRDMKAANVLITR
DGVLKLADFGLARAFSLAKNSQPNRY(TPO)NRVVTLWYRPPELLLGERDYGPPIDLWGAGCIMAEMWTRSPIMQGNTEQ
HQLALISQLCGSITPEVWPNVDNYELYEKLELVKGQKRKVKDRLKAYVRDPYALDLIDKLLVLDPAQRIDSDDALNHDFF
WSDPMPSDLKGMLST
;
A
2 'polypeptide(L)'
;GPEGERKNNNKRWYFTREQLENSPSRRFGVDPDKELSYRQQAANLLQDMGQRLNVSQLTINTAIVYMHRFYMIQSFTRFP
GNSVAPAALFLAAKVEGQPKKLEHVIKVAHTCLHPQESLPDTRSEAYLQQVQDLVILESIILQTLGFELTIDHPHTHVVK
CTQLVRASKDLAQTSYFMATNSLHLTTFSLQYTPPVVACVCIHLACKWSNWEIPVSTDGKHWWEYVDATVTLELLDELTH
ELLQILEKTPNRLKRIWNWR
;
B
#
# COMPACT_ATOMS: atom_id res chain seq x y z
N SER A 8 22.58 17.50 6.58
CA SER A 8 23.01 18.66 5.79
C SER A 8 22.04 18.91 4.63
N VAL A 9 21.09 18.00 4.47
CA VAL A 9 20.20 18.00 3.31
C VAL A 9 18.79 18.46 3.66
N GLU A 10 18.18 19.22 2.75
CA GLU A 10 16.81 19.73 2.92
C GLU A 10 15.77 18.62 3.03
N CYS A 11 14.87 18.78 3.99
CA CYS A 11 13.84 17.77 4.18
C CYS A 11 12.54 18.39 4.64
N PRO A 12 11.80 18.96 3.70
CA PRO A 12 10.56 19.68 3.96
C PRO A 12 9.44 18.75 4.45
N PHE A 13 9.43 17.50 3.99
CA PHE A 13 8.28 16.63 4.23
C PHE A 13 8.57 15.42 5.13
N CYS A 14 9.67 15.47 5.87
CA CYS A 14 9.94 14.44 6.85
C CYS A 14 10.53 15.13 8.06
N ASP A 15 9.68 15.38 9.04
CA ASP A 15 10.09 16.14 10.21
C ASP A 15 10.85 15.23 11.17
N GLU A 16 11.76 15.80 11.95
CA GLU A 16 12.49 15.03 12.96
C GLU A 16 11.56 14.67 14.12
N VAL A 17 11.62 13.41 14.56
CA VAL A 17 10.74 12.93 15.61
C VAL A 17 10.94 13.64 16.96
N SER A 18 11.97 14.45 17.06
CA SER A 18 12.20 15.23 18.28
C SER A 18 11.06 16.21 18.57
N LYS A 19 10.19 16.43 17.58
CA LYS A 19 9.04 17.33 17.74
C LYS A 19 8.05 16.71 18.74
N TYR A 20 8.16 15.40 18.93
CA TYR A 20 7.37 14.67 19.91
C TYR A 20 8.26 14.34 21.11
N GLU A 21 7.66 14.32 22.29
CA GLU A 21 8.38 14.02 23.52
C GLU A 21 7.87 12.66 24.03
N LYS A 22 8.75 11.66 24.08
CA LYS A 22 8.37 10.34 24.58
C LYS A 22 7.93 10.42 26.06
N LEU A 23 6.92 9.64 26.41
CA LEU A 23 6.41 9.63 27.77
C LEU A 23 6.53 8.25 28.42
N ALA A 24 6.46 7.23 27.59
CA ALA A 24 6.37 5.87 28.09
C ALA A 24 6.48 4.85 26.98
N LYS A 25 7.24 3.79 27.21
CA LYS A 25 7.31 2.64 26.32
C LYS A 25 6.16 1.69 26.65
N ILE A 26 5.13 1.70 25.82
CA ILE A 26 3.88 1.01 26.15
C ILE A 26 3.72 -0.36 25.50
N GLY A 27 4.59 -0.71 24.57
CA GLY A 27 4.44 -1.96 23.85
C GLY A 27 5.71 -2.76 23.69
N GLN A 28 5.76 -3.92 24.35
CA GLN A 28 6.87 -4.84 24.21
C GLN A 28 6.47 -6.18 23.57
N GLY A 29 7.34 -6.66 22.68
CA GLY A 29 7.08 -7.84 21.90
C GLY A 29 8.07 -7.87 20.74
N THR A 30 7.74 -8.64 19.70
CA THR A 30 8.62 -8.77 18.54
C THR A 30 8.15 -7.91 17.36
N PHE A 31 7.21 -7.02 17.64
CA PHE A 31 6.72 -6.05 16.66
C PHE A 31 7.58 -4.79 16.67
N GLY A 32 8.46 -4.70 17.68
CA GLY A 32 9.32 -3.54 17.83
C GLY A 32 9.05 -2.80 19.13
N GLU A 33 9.18 -1.47 19.08
CA GLU A 33 8.96 -0.62 20.23
C GLU A 33 7.90 0.43 19.96
N VAL A 34 6.84 0.42 20.76
CA VAL A 34 5.79 1.44 20.68
C VAL A 34 5.85 2.41 21.86
N PHE A 35 5.93 3.71 21.57
CA PHE A 35 6.02 4.74 22.59
C PHE A 35 4.79 5.63 22.58
N LYS A 36 4.29 5.99 23.76
CA LYS A 36 3.34 7.09 23.86
C LYS A 36 4.18 8.36 23.80
N ALA A 37 3.70 9.35 23.07
CA ALA A 37 4.41 10.62 23.06
C ALA A 37 3.48 11.81 23.00
N ARG A 38 4.06 12.99 23.01
CA ARG A 38 3.33 14.21 23.24
C ARG A 38 3.92 15.26 22.33
N HIS A 39 3.10 15.88 21.50
CA HIS A 39 3.61 16.94 20.63
C HIS A 39 4.09 18.10 21.50
N ARG A 40 5.34 18.51 21.33
CA ARG A 40 5.96 19.49 22.23
C ARG A 40 5.24 20.84 22.30
N LYS A 41 4.40 21.12 21.31
CA LYS A 41 3.74 22.42 21.22
C LYS A 41 2.27 22.40 21.62
N THR A 42 1.59 21.29 21.37
CA THR A 42 0.14 21.20 21.52
C THR A 42 -0.34 20.16 22.52
N GLY A 43 0.58 19.31 22.96
CA GLY A 43 0.24 18.24 23.87
C GLY A 43 -0.48 17.08 23.22
N GLN A 44 -0.75 17.19 21.92
CA GLN A 44 -1.41 16.09 21.21
C GLN A 44 -0.68 14.78 21.44
N LYS A 45 -1.40 13.76 21.93
CA LYS A 45 -0.79 12.44 22.14
C LYS A 45 -0.73 11.63 20.84
N VAL A 46 0.40 10.92 20.67
CA VAL A 46 0.64 10.08 19.49
C VAL A 46 1.30 8.75 19.89
N ALA A 47 1.22 7.77 19.00
CA ALA A 47 2.00 6.54 19.15
C ALA A 47 3.16 6.57 18.16
N LEU A 48 4.38 6.36 18.64
CA LEU A 48 5.56 6.31 17.79
C LEU A 48 6.01 4.88 17.71
N LYS A 49 6.05 4.33 16.50
CA LYS A 49 6.42 2.95 16.27
C LYS A 49 7.64 2.91 15.35
N LYS A 50 8.81 2.66 15.92
CA LYS A 50 10.06 2.67 15.17
C LYS A 50 10.10 1.53 14.15
N VAL A 51 10.62 1.82 12.96
CA VAL A 51 10.82 0.81 11.93
C VAL A 51 12.08 -0.02 12.18
N LEU A 52 11.86 -1.33 12.36
CA LEU A 52 12.89 -2.28 12.72
C LEU A 52 13.93 -2.53 11.64
N MET A 53 15.21 -2.55 12.03
CA MET A 53 16.29 -2.80 11.08
C MET A 53 17.23 -3.92 11.52
N GLU A 54 16.69 -4.97 12.13
CA GLU A 54 17.49 -6.15 12.47
C GLU A 54 17.72 -6.98 11.21
N ASN A 55 18.99 -7.21 10.89
CA ASN A 55 19.36 -8.01 9.73
C ASN A 55 18.71 -7.51 8.44
N GLU A 56 18.77 -6.19 8.21
CA GLU A 56 18.21 -5.61 7.00
C GLU A 56 19.32 -5.21 6.03
N LYS A 57 19.50 -6.06 5.02
CA LYS A 57 20.64 -5.95 4.12
C LYS A 57 20.20 -5.60 2.70
N GLU A 58 18.94 -5.20 2.58
CA GLU A 58 18.37 -4.81 1.30
C GLU A 58 17.82 -3.39 1.34
N GLY A 59 18.47 -2.52 2.12
CA GLY A 59 17.98 -1.17 2.29
C GLY A 59 16.72 -1.12 3.13
N PHE A 60 15.90 -0.09 2.87
CA PHE A 60 14.64 0.08 3.58
C PHE A 60 13.74 -1.13 3.38
N PRO A 61 13.26 -1.73 4.48
CA PRO A 61 12.56 -3.01 4.46
C PRO A 61 11.31 -2.98 3.62
N ILE A 62 11.24 -3.89 2.63
CA ILE A 62 10.13 -3.95 1.71
C ILE A 62 8.80 -4.16 2.44
N THR A 63 8.83 -4.86 3.55
CA THR A 63 7.60 -5.09 4.31
C THR A 63 7.10 -3.82 4.95
N ALA A 64 8.02 -2.94 5.34
CA ALA A 64 7.66 -1.65 5.94
C ALA A 64 7.09 -0.71 4.90
N LEU A 65 7.60 -0.81 3.67
CA LEU A 65 7.00 -0.05 2.57
C LEU A 65 5.55 -0.45 2.35
N ARG A 66 5.30 -1.77 2.34
CA ARG A 66 3.96 -2.33 2.18
C ARG A 66 3.03 -1.76 3.25
N GLU A 67 3.41 -1.97 4.51
CA GLU A 67 2.65 -1.47 5.65
C GLU A 67 2.37 0.04 5.55
N ILE A 68 3.38 0.83 5.26
CA ILE A 68 3.20 2.26 5.07
C ILE A 68 2.27 2.56 3.90
N LYS A 69 2.37 1.77 2.82
CA LYS A 69 1.53 2.00 1.64
C LYS A 69 0.07 1.83 2.02
N ILE A 70 -0.19 0.77 2.78
CA ILE A 70 -1.54 0.41 3.20
C ILE A 70 -2.15 1.38 4.21
N LEU A 71 -1.40 1.75 5.24
CA LEU A 71 -1.81 2.76 6.21
C LEU A 71 -2.16 4.11 5.57
N GLN A 72 -1.43 4.51 4.54
CA GLN A 72 -1.68 5.78 3.86
C GLN A 72 -2.97 5.75 3.06
N LEU A 73 -3.37 4.53 2.68
CA LEU A 73 -4.58 4.32 1.90
C LEU A 73 -5.81 4.21 2.78
N LEU A 74 -5.69 3.46 3.88
CA LEU A 74 -6.82 3.22 4.78
C LEU A 74 -7.13 4.40 5.70
N LYS A 75 -8.17 5.15 5.39
CA LYS A 75 -8.53 6.33 6.17
C LYS A 75 -9.97 6.20 6.66
N HIS A 76 -10.12 5.80 7.92
CA HIS A 76 -11.45 5.49 8.42
C HIS A 76 -11.57 5.63 9.95
N GLU A 77 -12.77 5.94 10.43
CA GLU A 77 -13.00 6.15 11.87
C GLU A 77 -12.57 4.93 12.71
N ASN A 78 -12.58 3.75 12.12
CA ASN A 78 -12.25 2.53 12.87
C ASN A 78 -10.98 1.82 12.44
N VAL A 79 -10.16 2.49 11.63
CA VAL A 79 -8.82 2.03 11.37
C VAL A 79 -7.86 3.04 11.96
N VAL A 80 -6.83 2.53 12.63
CA VAL A 80 -5.81 3.38 13.23
C VAL A 80 -5.27 4.40 12.21
N ASN A 81 -4.85 5.57 12.69
CA ASN A 81 -4.51 6.68 11.78
C ASN A 81 -3.05 7.07 11.76
N LEU A 82 -2.38 6.78 10.65
CA LEU A 82 -1.01 7.25 10.46
C LEU A 82 -1.04 8.76 10.18
N ILE A 83 -0.40 9.53 11.05
CA ILE A 83 -0.36 10.99 10.92
C ILE A 83 0.73 11.42 9.94
N GLU A 84 1.87 10.78 10.06
CA GLU A 84 3.05 11.14 9.31
C GLU A 84 4.16 10.15 9.62
N ILE A 85 5.29 10.30 8.94
CA ILE A 85 6.46 9.49 9.16
C ILE A 85 7.67 10.38 9.51
N CYS A 86 8.43 10.00 10.54
CA CYS A 86 9.51 10.85 11.07
C CYS A 86 10.92 10.22 11.08
N ARG A 87 11.94 11.06 11.23
CA ARG A 87 13.34 10.65 11.11
C ARG A 87 14.20 11.09 12.32
N THR A 88 15.52 11.08 12.14
CA THR A 88 16.54 11.58 13.08
C THR A 88 17.82 11.08 12.45
N SER A 99 17.52 6.75 11.42
CA SER A 99 16.36 5.95 11.86
C SER A 99 14.94 6.55 11.59
N ILE A 100 13.94 5.68 11.44
CA ILE A 100 12.59 6.08 10.96
C ILE A 100 11.41 5.66 11.86
N TYR A 101 10.53 6.60 12.16
CA TYR A 101 9.36 6.34 13.03
C TYR A 101 8.01 6.54 12.32
N LEU A 102 7.10 5.59 12.47
CA LEU A 102 5.71 5.79 12.08
C LEU A 102 4.97 6.51 13.21
N VAL A 103 4.23 7.58 12.91
CA VAL A 103 3.51 8.32 13.96
C VAL A 103 2.00 8.24 13.81
N PHE A 104 1.34 7.63 14.81
CA PHE A 104 -0.13 7.51 14.80
C PHE A 104 -0.81 8.43 15.81
N ASP A 105 -2.11 8.63 15.62
CA ASP A 105 -2.93 9.17 16.70
C ASP A 105 -2.94 8.12 17.78
N PHE A 106 -2.71 8.54 19.02
CA PHE A 106 -2.58 7.62 20.15
C PHE A 106 -3.90 7.03 20.57
N CYS A 107 -3.88 5.72 20.84
CA CYS A 107 -5.03 4.98 21.37
C CYS A 107 -4.64 4.38 22.71
N GLU A 108 -5.28 4.84 23.79
CA GLU A 108 -4.86 4.47 25.14
C GLU A 108 -4.98 2.98 25.48
N HIS A 109 -5.99 2.31 24.94
CA HIS A 109 -6.25 0.91 25.30
C HIS A 109 -6.05 -0.07 24.16
N ASP A 110 -5.75 -1.31 24.50
CA ASP A 110 -5.89 -2.40 23.54
C ASP A 110 -6.86 -3.43 24.12
N LEU A 111 -7.63 -4.06 23.25
CA LEU A 111 -8.68 -4.99 23.66
C LEU A 111 -8.16 -6.18 24.48
N ALA A 112 -6.89 -6.52 24.31
CA ALA A 112 -6.31 -7.62 25.08
C ALA A 112 -6.15 -7.22 26.54
N GLY A 113 -5.61 -6.03 26.76
CA GLY A 113 -5.39 -5.50 28.09
C GLY A 113 -6.67 -5.28 28.88
N LEU A 114 -7.72 -4.83 28.19
CA LEU A 114 -9.05 -4.67 28.81
C LEU A 114 -9.64 -6.02 29.17
N LEU A 115 -9.54 -6.97 28.25
CA LEU A 115 -10.08 -8.30 28.45
C LEU A 115 -9.44 -9.04 29.62
N SER A 116 -8.25 -8.59 30.03
CA SER A 116 -7.50 -9.25 31.12
C SER A 116 -7.69 -8.56 32.46
N ASN A 117 -7.79 -7.24 32.47
CA ASN A 117 -8.06 -6.52 33.70
C ASN A 117 -9.39 -6.99 34.26
N VAL A 118 -9.33 -7.69 35.39
CA VAL A 118 -10.53 -8.22 36.02
C VAL A 118 -11.42 -7.13 36.61
N LEU A 119 -10.87 -5.92 36.73
CA LEU A 119 -11.62 -4.77 37.23
C LEU A 119 -12.42 -4.05 36.14
N VAL A 120 -12.26 -4.49 34.89
CA VAL A 120 -12.97 -3.87 33.77
C VAL A 120 -14.23 -4.66 33.44
N LYS A 121 -15.34 -3.96 33.25
CA LYS A 121 -16.61 -4.65 33.03
C LYS A 121 -17.35 -4.17 31.79
N PHE A 122 -17.92 -5.12 31.06
CA PHE A 122 -18.58 -4.83 29.80
C PHE A 122 -20.08 -5.05 29.87
N THR A 123 -20.85 -3.97 29.79
CA THR A 123 -22.29 -4.12 29.61
C THR A 123 -22.53 -4.63 28.19
N LEU A 124 -23.59 -5.43 28.02
CA LEU A 124 -23.89 -6.03 26.73
C LEU A 124 -24.07 -5.00 25.62
N SER A 125 -24.57 -3.83 25.96
CA SER A 125 -24.78 -2.78 24.96
C SER A 125 -23.45 -2.13 24.56
N GLU A 126 -22.45 -2.32 25.42
CA GLU A 126 -21.09 -1.88 25.12
C GLU A 126 -20.36 -2.93 24.30
N ILE A 127 -20.59 -4.21 24.59
CA ILE A 127 -20.10 -5.27 23.73
C ILE A 127 -20.64 -5.13 22.32
N LYS A 128 -21.91 -4.76 22.19
CA LYS A 128 -22.53 -4.65 20.88
C LYS A 128 -21.81 -3.58 20.10
N ARG A 129 -21.48 -2.49 20.77
CA ARG A 129 -20.85 -1.36 20.12
C ARG A 129 -19.41 -1.68 19.72
N VAL A 130 -18.69 -2.41 20.56
CA VAL A 130 -17.34 -2.83 20.23
C VAL A 130 -17.32 -3.66 18.97
N MET A 131 -18.22 -4.63 18.88
CA MET A 131 -18.26 -5.53 17.71
C MET A 131 -18.72 -4.79 16.48
N GLN A 132 -19.58 -3.79 16.69
CA GLN A 132 -20.06 -3.01 15.58
C GLN A 132 -18.95 -2.17 14.96
N MET A 133 -18.18 -1.46 15.78
CA MET A 133 -17.06 -0.66 15.31
C MET A 133 -16.01 -1.53 14.62
N LEU A 134 -15.73 -2.69 15.21
CA LEU A 134 -14.79 -3.65 14.63
C LEU A 134 -15.23 -4.15 13.26
N LEU A 135 -16.47 -4.65 13.17
CA LEU A 135 -17.01 -5.11 11.89
C LEU A 135 -17.09 -4.03 10.84
N ASN A 136 -17.31 -2.80 11.28
CA ASN A 136 -17.36 -1.68 10.35
C ASN A 136 -15.96 -1.38 9.79
N GLY A 137 -14.94 -1.69 10.59
CA GLY A 137 -13.56 -1.50 10.18
C GLY A 137 -13.15 -2.52 9.15
N LEU A 138 -13.54 -3.77 9.38
CA LEU A 138 -13.32 -4.82 8.38
C LEU A 138 -14.08 -4.55 7.08
N TYR A 139 -15.28 -3.97 7.18
CA TYR A 139 -16.05 -3.74 5.97
C TYR A 139 -15.26 -2.77 5.11
N TYR A 140 -14.65 -1.81 5.77
CA TYR A 140 -13.93 -0.73 5.10
C TYR A 140 -12.66 -1.21 4.43
N ILE A 141 -11.81 -1.91 5.18
CA ILE A 141 -10.52 -2.35 4.61
C ILE A 141 -10.71 -3.34 3.49
N HIS A 142 -11.73 -4.19 3.60
CA HIS A 142 -12.00 -5.15 2.54
C HIS A 142 -12.54 -4.48 1.27
N ARG A 143 -13.26 -3.38 1.43
CA ARG A 143 -13.79 -2.65 0.29
C ARG A 143 -12.63 -2.03 -0.44
N ASN A 144 -11.56 -1.76 0.30
CA ASN A 144 -10.35 -1.16 -0.27
C ASN A 144 -9.33 -2.21 -0.67
N LYS A 145 -9.81 -3.44 -0.83
CA LYS A 145 -9.04 -4.51 -1.44
C LYS A 145 -7.90 -4.96 -0.55
N ILE A 146 -8.09 -4.82 0.75
CA ILE A 146 -7.03 -5.19 1.69
C ILE A 146 -7.42 -6.24 2.73
N LEU A 147 -6.52 -7.19 2.95
CA LEU A 147 -6.65 -8.19 4.00
C LEU A 147 -5.77 -7.83 5.18
N HIS A 148 -6.30 -7.96 6.40
CA HIS A 148 -5.53 -7.63 7.59
C HIS A 148 -4.54 -8.73 7.92
N ARG A 149 -5.05 -9.96 8.00
CA ARG A 149 -4.23 -11.15 8.18
C ARG A 149 -3.54 -11.28 9.55
N ASP A 150 -3.88 -10.42 10.49
CA ASP A 150 -3.39 -10.55 11.84
C ASP A 150 -4.47 -10.20 12.88
N MET A 151 -5.66 -10.74 12.71
CA MET A 151 -6.73 -10.47 13.67
C MET A 151 -6.41 -11.08 15.02
N LYS A 152 -6.61 -10.31 16.08
CA LYS A 152 -6.46 -10.80 17.44
C LYS A 152 -6.67 -9.64 18.39
N ALA A 153 -7.01 -9.95 19.63
CA ALA A 153 -7.31 -8.94 20.62
C ALA A 153 -6.25 -7.83 20.70
N ALA A 154 -4.98 -8.20 20.65
CA ALA A 154 -3.90 -7.23 20.87
C ALA A 154 -3.83 -6.18 19.75
N ASN A 155 -4.51 -6.47 18.65
CA ASN A 155 -4.49 -5.57 17.49
C ASN A 155 -5.78 -4.75 17.34
N VAL A 156 -6.71 -4.92 18.27
CA VAL A 156 -7.87 -4.05 18.33
C VAL A 156 -7.61 -3.01 19.43
N LEU A 157 -7.61 -1.75 19.05
CA LEU A 157 -7.30 -0.71 20.00
C LEU A 157 -8.57 0.09 20.27
N ILE A 158 -8.57 0.80 21.39
CA ILE A 158 -9.66 1.69 21.73
C ILE A 158 -9.09 3.00 22.28
N THR A 159 -9.65 4.11 21.84
CA THR A 159 -9.16 5.42 22.29
C THR A 159 -9.76 5.80 23.65
N ARG A 160 -9.20 6.85 24.24
CA ARG A 160 -9.70 7.39 25.49
C ARG A 160 -11.19 7.72 25.36
N ASP A 161 -11.58 8.26 24.20
CA ASP A 161 -12.96 8.65 23.93
C ASP A 161 -13.85 7.49 23.49
N GLY A 162 -13.33 6.27 23.58
CA GLY A 162 -14.11 5.06 23.29
C GLY A 162 -14.34 4.68 21.82
N VAL A 163 -13.46 5.12 20.93
CA VAL A 163 -13.55 4.72 19.54
C VAL A 163 -12.55 3.61 19.26
N LEU A 164 -13.05 2.49 18.73
CA LEU A 164 -12.24 1.33 18.43
C LEU A 164 -11.46 1.50 17.11
N LYS A 165 -10.18 1.14 17.14
CA LYS A 165 -9.32 1.26 15.96
C LYS A 165 -8.66 -0.07 15.65
N LEU A 166 -8.86 -0.56 14.43
CA LEU A 166 -8.08 -1.69 13.90
C LEU A 166 -6.64 -1.26 13.63
N ALA A 167 -5.68 -2.02 14.14
CA ALA A 167 -4.28 -1.59 14.10
C ALA A 167 -3.31 -2.71 13.73
N ASP A 168 -2.06 -2.32 13.48
CA ASP A 168 -0.97 -3.23 13.11
C ASP A 168 -1.22 -3.90 11.77
N PHE A 169 -0.80 -3.23 10.70
CA PHE A 169 -1.01 -3.74 9.35
C PHE A 169 0.27 -4.33 8.78
N GLY A 170 1.17 -4.73 9.68
CA GLY A 170 2.45 -5.30 9.33
C GLY A 170 2.42 -6.57 8.51
N LEU A 171 1.35 -7.35 8.65
CA LEU A 171 1.17 -8.56 7.84
C LEU A 171 0.12 -8.32 6.76
N ALA A 172 -0.47 -7.14 6.77
CA ALA A 172 -1.55 -6.86 5.84
C ALA A 172 -1.07 -6.99 4.39
N ARG A 173 -2.02 -7.18 3.48
CA ARG A 173 -1.70 -7.39 2.07
C ARG A 173 -2.92 -7.08 1.20
N ALA A 174 -2.67 -6.53 0.01
CA ALA A 174 -3.75 -6.31 -0.95
C ALA A 174 -4.22 -7.61 -1.60
N PHE A 175 -5.49 -7.65 -1.97
CA PHE A 175 -6.04 -8.80 -2.67
C PHE A 175 -6.85 -8.37 -3.89
N SER A 176 -7.34 -9.35 -4.64
CA SER A 176 -8.10 -9.10 -5.86
C SER A 176 -8.71 -10.40 -6.35
N LEU A 177 -9.18 -10.41 -7.59
CA LEU A 177 -9.79 -11.62 -8.14
C LEU A 177 -9.43 -11.91 -9.60
N ALA A 178 -8.23 -12.40 -9.84
CA ALA A 178 -7.97 -13.20 -11.04
C ALA A 178 -8.65 -14.49 -10.65
N PRO A 183 -5.87 -18.46 -10.06
CA PRO A 183 -6.06 -19.09 -8.75
C PRO A 183 -5.02 -18.36 -7.92
N ASN A 184 -5.43 -17.71 -6.83
CA ASN A 184 -4.52 -16.82 -6.11
C ASN A 184 -3.30 -17.52 -5.52
N ARG A 185 -2.18 -16.81 -5.49
CA ARG A 185 -0.93 -17.35 -4.95
C ARG A 185 -0.51 -16.65 -3.66
N TYR A 186 -1.44 -16.54 -2.71
CA TYR A 186 -1.17 -15.83 -1.45
C TYR A 186 -0.51 -16.77 -0.43
N ASN A 188 0.74 -18.74 3.08
CA ASN A 188 -0.05 -19.57 4.00
C ASN A 188 0.12 -19.29 5.51
N ARG A 189 1.35 -19.16 5.98
CA ARG A 189 1.60 -18.93 7.40
C ARG A 189 1.23 -17.51 7.86
N VAL A 190 -0.06 -17.19 7.86
CA VAL A 190 -0.52 -15.91 8.37
C VAL A 190 -1.55 -16.06 9.48
N VAL A 191 -1.69 -15.03 10.30
CA VAL A 191 -2.56 -15.05 11.47
C VAL A 191 -1.93 -15.88 12.58
N THR A 192 -1.89 -15.33 13.79
CA THR A 192 -1.46 -16.09 14.95
C THR A 192 -2.33 -17.31 15.09
N LEU A 193 -1.70 -18.40 15.52
CA LEU A 193 -2.35 -19.70 15.58
C LEU A 193 -3.79 -19.68 16.10
N TRP A 194 -4.00 -19.02 17.24
CA TRP A 194 -5.28 -19.08 17.93
C TRP A 194 -6.44 -18.46 17.15
N TYR A 195 -6.14 -17.44 16.36
CA TYR A 195 -7.18 -16.81 15.55
C TYR A 195 -7.11 -17.24 14.10
N ARG A 196 -6.20 -18.16 13.79
CA ARG A 196 -6.11 -18.64 12.42
C ARG A 196 -7.30 -19.50 12.09
N PRO A 197 -7.88 -19.29 10.89
CA PRO A 197 -9.06 -19.99 10.40
C PRO A 197 -8.69 -21.31 9.75
N PRO A 198 -9.64 -22.25 9.65
CA PRO A 198 -9.46 -23.62 9.16
C PRO A 198 -8.77 -23.69 7.80
N GLU A 199 -9.17 -22.84 6.87
CA GLU A 199 -8.58 -22.82 5.53
C GLU A 199 -7.06 -22.83 5.59
N LEU A 200 -6.51 -21.87 6.33
CA LEU A 200 -5.07 -21.69 6.39
C LEU A 200 -4.36 -22.93 6.97
N LEU A 201 -5.02 -23.56 7.93
CA LEU A 201 -4.45 -24.75 8.56
C LEU A 201 -4.44 -25.91 7.58
N LEU A 202 -5.47 -25.98 6.73
CA LEU A 202 -5.55 -27.02 5.70
C LEU A 202 -4.60 -26.73 4.54
N GLY A 203 -3.86 -25.63 4.65
CA GLY A 203 -2.81 -25.32 3.68
C GLY A 203 -3.25 -24.40 2.55
N GLU A 204 -4.40 -23.75 2.72
CA GLU A 204 -4.96 -22.87 1.70
C GLU A 204 -4.02 -21.74 1.25
N ARG A 205 -4.10 -21.39 -0.03
CA ARG A 205 -3.32 -20.29 -0.58
C ARG A 205 -4.20 -19.36 -1.40
N ASP A 206 -5.41 -19.81 -1.70
CA ASP A 206 -6.39 -19.00 -2.42
C ASP A 206 -7.52 -18.56 -1.50
N TYR A 207 -7.30 -17.45 -0.79
CA TYR A 207 -8.29 -16.97 0.16
C TYR A 207 -8.51 -15.46 0.04
N GLY A 208 -9.33 -14.95 0.95
CA GLY A 208 -9.60 -13.53 1.00
C GLY A 208 -10.21 -13.11 2.34
N PRO A 209 -11.12 -12.14 2.28
CA PRO A 209 -11.71 -11.48 3.46
C PRO A 209 -12.22 -12.43 4.54
N PRO A 210 -12.75 -13.61 4.16
CA PRO A 210 -13.33 -14.46 5.20
C PRO A 210 -12.36 -14.85 6.32
N ILE A 211 -11.06 -14.81 6.09
CA ILE A 211 -10.13 -15.19 7.14
C ILE A 211 -10.15 -14.19 8.30
N ASP A 212 -10.38 -12.93 7.99
CA ASP A 212 -10.41 -11.90 9.03
C ASP A 212 -11.67 -12.00 9.88
N LEU A 213 -12.77 -12.46 9.30
CA LEU A 213 -14.03 -12.58 10.01
C LEU A 213 -14.00 -13.73 11.00
N TRP A 214 -13.27 -14.77 10.67
CA TRP A 214 -13.00 -15.85 11.61
C TRP A 214 -12.35 -15.28 12.87
N GLY A 215 -11.35 -14.42 12.70
CA GLY A 215 -10.73 -13.76 13.83
C GLY A 215 -11.72 -12.93 14.63
N ALA A 216 -12.56 -12.18 13.92
CA ALA A 216 -13.61 -11.38 14.56
C ALA A 216 -14.53 -12.25 15.41
N GLY A 217 -14.84 -13.44 14.89
CA GLY A 217 -15.60 -14.42 15.65
C GLY A 217 -14.93 -14.77 16.96
N CYS A 218 -13.65 -15.14 16.90
CA CYS A 218 -12.88 -15.47 18.09
C CYS A 218 -12.83 -14.31 19.08
N ILE A 219 -12.57 -13.12 18.57
CA ILE A 219 -12.53 -11.92 19.40
C ILE A 219 -13.88 -11.67 20.05
N MET A 220 -14.96 -11.87 19.30
CA MET A 220 -16.29 -11.62 19.82
C MET A 220 -16.61 -12.55 21.00
N ALA A 221 -16.34 -13.84 20.85
CA ALA A 221 -16.51 -14.78 21.95
C ALA A 221 -15.67 -14.34 23.13
N GLU A 222 -14.44 -13.95 22.83
CA GLU A 222 -13.48 -13.48 23.81
C GLU A 222 -14.04 -12.38 24.72
N MET A 223 -14.96 -11.57 24.19
CA MET A 223 -15.58 -10.48 24.96
C MET A 223 -16.36 -10.99 26.18
N TRP A 224 -16.73 -12.27 26.15
CA TRP A 224 -17.47 -12.87 27.24
C TRP A 224 -16.62 -13.83 28.06
N THR A 225 -15.72 -14.54 27.39
CA THR A 225 -14.90 -15.55 28.04
C THR A 225 -13.64 -14.96 28.67
N ARG A 226 -13.30 -13.72 28.30
CA ARG A 226 -12.07 -13.07 28.74
C ARG A 226 -10.77 -13.73 28.24
N SER A 227 -10.89 -14.95 27.73
CA SER A 227 -9.73 -15.69 27.28
C SER A 227 -9.94 -16.18 25.85
N PRO A 228 -8.89 -16.09 25.00
CA PRO A 228 -8.95 -16.71 23.68
C PRO A 228 -9.49 -18.12 23.82
N ILE A 229 -10.41 -18.50 22.94
CA ILE A 229 -11.24 -19.67 23.17
C ILE A 229 -10.65 -20.97 22.65
N MET A 230 -9.73 -20.86 21.71
CA MET A 230 -9.08 -22.03 21.12
C MET A 230 -7.55 -21.91 21.17
N GLN A 231 -6.96 -22.26 22.31
CA GLN A 231 -5.54 -22.02 22.56
C GLN A 231 -4.62 -23.17 22.13
N GLY A 232 -4.62 -23.48 20.83
CA GLY A 232 -3.81 -24.55 20.29
C GLY A 232 -2.30 -24.42 20.50
N ASN A 233 -1.61 -25.56 20.40
CA ASN A 233 -0.16 -25.62 20.60
C ASN A 233 0.60 -25.68 19.28
N THR A 234 0.11 -26.51 18.37
CA THR A 234 0.63 -26.56 17.01
C THR A 234 -0.53 -26.53 16.02
N GLU A 235 -0.22 -26.50 14.73
CA GLU A 235 -1.24 -26.40 13.70
C GLU A 235 -2.26 -27.54 13.77
N GLN A 236 -1.82 -28.72 14.21
CA GLN A 236 -2.71 -29.89 14.28
C GLN A 236 -3.50 -29.96 15.59
N HIS A 237 -2.93 -29.42 16.67
CA HIS A 237 -3.66 -29.30 17.94
C HIS A 237 -4.67 -28.15 17.87
N GLN A 238 -4.37 -27.15 17.05
CA GLN A 238 -5.34 -26.10 16.77
C GLN A 238 -6.52 -26.70 16.00
N LEU A 239 -6.23 -27.29 14.84
CA LEU A 239 -7.28 -27.94 14.05
C LEU A 239 -8.13 -28.88 14.90
N ALA A 240 -7.48 -29.57 15.82
CA ALA A 240 -8.20 -30.47 16.73
C ALA A 240 -9.15 -29.65 17.58
N LEU A 241 -8.62 -28.63 18.23
CA LEU A 241 -9.43 -27.78 19.12
C LEU A 241 -10.61 -27.15 18.40
N ILE A 242 -10.42 -26.89 17.10
CA ILE A 242 -11.46 -26.30 16.27
C ILE A 242 -12.59 -27.30 16.02
N SER A 243 -12.23 -28.57 15.89
CA SER A 243 -13.21 -29.63 15.67
C SER A 243 -14.04 -29.89 16.92
N GLN A 244 -13.40 -29.85 18.09
CA GLN A 244 -14.09 -30.06 19.35
C GLN A 244 -14.97 -28.86 19.74
N LEU A 245 -15.14 -27.93 18.80
CA LEU A 245 -16.03 -26.79 18.98
C LEU A 245 -16.94 -26.59 17.78
N CYS A 246 -16.41 -26.85 16.57
CA CYS A 246 -17.12 -26.53 15.35
C CYS A 246 -17.68 -27.75 14.59
N GLY A 247 -17.34 -28.94 15.07
CA GLY A 247 -17.70 -30.16 14.37
C GLY A 247 -16.54 -30.63 13.53
N SER A 248 -16.69 -31.79 12.92
CA SER A 248 -15.63 -32.33 12.08
C SER A 248 -15.63 -31.64 10.72
N ILE A 249 -14.53 -31.76 9.99
CA ILE A 249 -14.37 -31.09 8.71
C ILE A 249 -14.65 -32.05 7.54
N THR A 250 -15.92 -32.29 7.25
CA THR A 250 -16.29 -33.22 6.20
C THR A 250 -17.04 -32.53 5.05
N PRO A 251 -16.92 -33.08 3.83
CA PRO A 251 -17.53 -32.53 2.61
C PRO A 251 -19.04 -32.39 2.72
N GLU A 252 -19.62 -32.87 3.82
CA GLU A 252 -21.05 -32.73 4.07
C GLU A 252 -21.33 -31.35 4.65
N VAL A 253 -20.33 -30.79 5.31
CA VAL A 253 -20.41 -29.48 5.95
C VAL A 253 -19.67 -28.44 5.10
N TRP A 254 -18.63 -28.87 4.42
CA TRP A 254 -17.72 -27.99 3.68
C TRP A 254 -17.43 -28.58 2.30
N PRO A 255 -18.37 -28.45 1.36
CA PRO A 255 -18.24 -29.06 0.03
C PRO A 255 -16.83 -28.93 -0.56
N ASN A 256 -16.31 -30.02 -1.09
CA ASN A 256 -14.99 -30.05 -1.73
C ASN A 256 -13.82 -29.73 -0.81
N VAL A 257 -14.02 -29.87 0.48
CA VAL A 257 -12.92 -29.68 1.44
C VAL A 257 -11.85 -30.76 1.24
N ASP A 258 -12.27 -31.93 0.78
CA ASP A 258 -11.37 -33.06 0.56
C ASP A 258 -10.49 -32.86 -0.68
N ASN A 259 -10.70 -31.75 -1.37
CA ASN A 259 -9.92 -31.42 -2.56
C ASN A 259 -8.52 -30.93 -2.19
N TYR A 260 -8.23 -30.88 -0.90
CA TYR A 260 -6.95 -30.37 -0.40
C TYR A 260 -6.06 -31.47 0.16
N GLU A 261 -4.78 -31.42 -0.22
CA GLU A 261 -3.82 -32.45 0.17
C GLU A 261 -3.28 -32.28 1.59
N LEU A 262 -4.17 -32.08 2.55
CA LEU A 262 -3.74 -32.06 3.94
C LEU A 262 -4.87 -32.54 4.84
N TYR A 263 -5.98 -32.94 4.23
CA TYR A 263 -7.07 -33.55 4.98
C TYR A 263 -6.61 -34.89 5.55
N GLU A 264 -5.39 -35.28 5.18
CA GLU A 264 -4.77 -36.54 5.61
C GLU A 264 -4.75 -36.74 7.13
N LYS A 265 -4.16 -35.80 7.85
CA LYS A 265 -4.06 -35.86 9.31
C LYS A 265 -4.05 -34.46 9.89
N LEU A 266 -4.73 -34.26 11.02
CA LEU A 266 -5.43 -35.33 11.74
C LEU A 266 -6.95 -35.28 11.52
N GLU A 267 -7.53 -36.42 11.16
CA GLU A 267 -8.97 -36.50 10.95
C GLU A 267 -9.72 -36.69 12.27
N LEU A 268 -11.03 -36.44 12.24
CA LEU A 268 -11.91 -36.60 13.40
C LEU A 268 -13.36 -36.57 12.92
N VAL A 269 -14.24 -37.32 13.56
CA VAL A 269 -15.68 -37.22 13.27
C VAL A 269 -16.54 -37.17 14.53
N LYS A 275 -20.70 -27.82 17.02
CA LYS A 275 -21.49 -27.60 18.22
C LYS A 275 -20.95 -26.46 19.11
N VAL A 276 -21.03 -25.24 18.57
CA VAL A 276 -20.44 -24.02 19.15
C VAL A 276 -21.32 -23.33 20.19
N LYS A 277 -22.62 -23.26 19.93
CA LYS A 277 -23.55 -22.60 20.84
C LYS A 277 -23.53 -23.24 22.23
N ASP A 278 -23.33 -24.56 22.28
CA ASP A 278 -23.29 -25.30 23.54
C ASP A 278 -22.18 -24.85 24.48
N ARG A 279 -20.94 -24.82 23.97
CA ARG A 279 -19.79 -24.57 24.82
C ARG A 279 -19.77 -23.15 25.41
N LEU A 280 -20.45 -22.21 24.73
CA LEU A 280 -20.41 -20.80 25.12
C LEU A 280 -21.65 -20.31 25.88
N LYS A 281 -22.62 -21.22 26.06
CA LYS A 281 -23.87 -20.92 26.78
C LYS A 281 -23.65 -20.14 28.08
N ALA A 282 -22.71 -20.64 28.89
CA ALA A 282 -22.48 -20.10 30.24
C ALA A 282 -22.05 -18.64 30.24
N TYR A 283 -21.05 -18.32 29.43
CA TYR A 283 -20.49 -16.98 29.40
C TYR A 283 -21.40 -16.02 28.66
N VAL A 284 -21.90 -16.47 27.52
CA VAL A 284 -22.75 -15.61 26.69
C VAL A 284 -24.24 -15.93 26.89
N ARG A 285 -24.98 -14.95 27.41
CA ARG A 285 -26.39 -15.15 27.65
C ARG A 285 -27.27 -14.77 26.45
N ASP A 286 -27.03 -13.60 25.87
CA ASP A 286 -27.82 -13.14 24.72
C ASP A 286 -27.83 -14.17 23.59
N PRO A 287 -29.03 -14.55 23.12
CA PRO A 287 -29.19 -15.55 22.05
C PRO A 287 -28.78 -15.03 20.69
N TYR A 288 -29.10 -13.77 20.38
CA TYR A 288 -28.67 -13.14 19.13
C TYR A 288 -27.14 -13.10 19.07
N ALA A 289 -26.52 -12.81 20.22
CA ALA A 289 -25.06 -12.82 20.32
C ALA A 289 -24.47 -14.18 19.99
N LEU A 290 -24.98 -15.22 20.65
CA LEU A 290 -24.58 -16.59 20.35
C LEU A 290 -24.78 -16.95 18.89
N ASP A 291 -25.89 -16.51 18.31
CA ASP A 291 -26.18 -16.83 16.92
C ASP A 291 -25.15 -16.23 15.97
N LEU A 292 -24.80 -14.96 16.18
CA LEU A 292 -23.82 -14.29 15.33
C LEU A 292 -22.45 -14.96 15.46
N ILE A 293 -22.05 -15.26 16.69
CA ILE A 293 -20.78 -15.95 16.91
C ILE A 293 -20.73 -17.26 16.11
N ASP A 294 -21.87 -17.92 15.97
CA ASP A 294 -21.93 -19.19 15.25
C ASP A 294 -21.83 -19.01 13.74
N LYS A 295 -22.19 -17.84 13.23
CA LYS A 295 -22.14 -17.62 11.78
C LYS A 295 -20.79 -17.09 11.37
N LEU A 296 -20.00 -16.66 12.35
CA LEU A 296 -18.62 -16.21 12.12
C LEU A 296 -17.67 -17.39 12.24
N LEU A 297 -17.90 -18.24 13.22
CA LEU A 297 -17.07 -19.42 13.42
C LEU A 297 -17.61 -20.58 12.60
N VAL A 298 -17.87 -20.32 11.32
CA VAL A 298 -18.29 -21.35 10.38
C VAL A 298 -17.03 -21.90 9.70
N LEU A 299 -17.04 -23.18 9.35
CA LEU A 299 -15.85 -23.82 8.78
C LEU A 299 -15.62 -23.47 7.31
N ASP A 300 -16.65 -23.60 6.49
CA ASP A 300 -16.52 -23.26 5.08
C ASP A 300 -16.56 -21.74 4.88
N PRO A 301 -15.46 -21.15 4.41
CA PRO A 301 -15.29 -19.73 4.10
C PRO A 301 -16.39 -19.21 3.18
N ALA A 302 -16.84 -20.04 2.26
CA ALA A 302 -17.91 -19.65 1.34
C ALA A 302 -19.22 -19.49 2.08
N GLN A 303 -19.36 -20.16 3.23
CA GLN A 303 -20.59 -20.10 4.03
C GLN A 303 -20.43 -19.21 5.26
N ARG A 304 -19.24 -18.64 5.45
CA ARG A 304 -19.01 -17.75 6.58
C ARG A 304 -19.64 -16.39 6.33
N ILE A 305 -20.29 -15.85 7.36
CA ILE A 305 -20.94 -14.55 7.28
C ILE A 305 -19.94 -13.43 7.01
N ASP A 306 -20.34 -12.45 6.20
CA ASP A 306 -19.44 -11.36 5.86
C ASP A 306 -19.72 -10.09 6.71
N SER A 307 -18.84 -9.11 6.63
CA SER A 307 -19.00 -7.85 7.36
C SER A 307 -20.37 -7.20 7.21
N ASP A 308 -20.85 -7.14 5.96
CA ASP A 308 -22.14 -6.51 5.65
C ASP A 308 -23.28 -7.23 6.37
N ASP A 309 -23.41 -8.54 6.11
CA ASP A 309 -24.50 -9.29 6.70
C ASP A 309 -24.39 -9.38 8.22
N ALA A 310 -23.17 -9.26 8.73
CA ALA A 310 -22.95 -9.33 10.17
C ALA A 310 -23.43 -8.04 10.85
N LEU A 311 -23.13 -6.91 10.23
CA LEU A 311 -23.60 -5.61 10.72
C LEU A 311 -25.13 -5.52 10.69
N ASN A 312 -25.74 -6.39 9.88
CA ASN A 312 -27.18 -6.41 9.71
C ASN A 312 -27.88 -7.45 10.58
N HIS A 313 -27.07 -8.33 11.19
CA HIS A 313 -27.59 -9.35 12.08
C HIS A 313 -28.40 -8.74 13.22
N ASP A 314 -29.46 -9.43 13.65
CA ASP A 314 -30.36 -8.86 14.63
C ASP A 314 -29.66 -8.52 15.95
N PHE A 315 -28.47 -9.08 16.16
CA PHE A 315 -27.67 -8.76 17.34
C PHE A 315 -27.49 -7.26 17.51
N PHE A 316 -27.33 -6.54 16.40
CA PHE A 316 -27.05 -5.10 16.45
C PHE A 316 -28.31 -4.25 16.42
N TRP A 317 -29.46 -4.90 16.25
CA TRP A 317 -30.73 -4.22 16.02
C TRP A 317 -31.85 -4.69 16.95
N SER A 318 -31.47 -5.06 18.17
CA SER A 318 -32.41 -5.47 19.20
C SER A 318 -31.91 -4.94 20.54
N ASP A 319 -32.79 -4.84 21.52
CA ASP A 319 -32.39 -4.25 22.80
C ASP A 319 -31.61 -5.25 23.65
N PRO A 320 -30.62 -4.74 24.42
CA PRO A 320 -30.20 -3.34 24.45
C PRO A 320 -29.52 -2.93 23.15
N MET A 321 -29.70 -1.69 22.72
CA MET A 321 -29.04 -1.21 21.51
C MET A 321 -27.59 -0.89 21.81
N PRO A 322 -26.73 -0.90 20.77
CA PRO A 322 -25.32 -0.54 20.95
C PRO A 322 -25.20 0.81 21.61
N SER A 323 -24.37 0.93 22.63
CA SER A 323 -24.19 2.21 23.31
C SER A 323 -22.72 2.61 23.36
N ASP A 324 -22.47 3.90 23.55
CA ASP A 324 -21.11 4.40 23.61
C ASP A 324 -20.31 3.81 24.78
N LEU A 325 -18.99 3.86 24.68
CA LEU A 325 -18.12 3.22 25.65
C LEU A 325 -17.68 4.16 26.76
N LYS A 326 -17.89 3.73 28.00
CA LYS A 326 -17.45 4.48 29.18
C LYS A 326 -17.08 3.54 30.34
N GLY A 327 -16.99 2.24 30.04
CA GLY A 327 -16.49 1.24 30.97
C GLY A 327 -15.26 0.54 30.43
N ASN B 10 -1.52 16.93 -1.48
CA ASN B 10 -2.62 16.81 -2.45
C ASN B 10 -2.37 17.69 -3.69
N LYS B 11 -1.83 18.87 -3.46
CA LYS B 11 -1.29 19.73 -4.53
C LYS B 11 0.21 19.86 -4.29
N ARG B 12 0.73 18.96 -3.48
CA ARG B 12 2.10 19.09 -2.99
C ARG B 12 3.14 18.93 -4.08
N TRP B 13 2.87 17.99 -4.99
CA TRP B 13 3.80 17.64 -6.05
C TRP B 13 3.34 18.13 -7.43
N TYR B 14 2.57 19.20 -7.45
CA TYR B 14 2.25 19.88 -8.70
C TYR B 14 2.73 21.32 -8.61
N PHE B 15 3.37 21.78 -9.68
CA PHE B 15 4.08 23.04 -9.66
C PHE B 15 3.64 23.90 -10.84
N THR B 16 3.61 25.21 -10.61
CA THR B 16 3.33 26.17 -11.66
C THR B 16 4.56 26.30 -12.54
N ARG B 17 4.41 26.95 -13.69
CA ARG B 17 5.55 27.14 -14.59
C ARG B 17 6.59 28.04 -13.94
N GLU B 18 6.15 28.92 -13.05
CA GLU B 18 7.08 29.81 -12.35
C GLU B 18 7.90 29.02 -11.33
N GLN B 19 7.29 28.01 -10.70
CA GLN B 19 8.02 27.18 -9.76
C GLN B 19 9.00 26.25 -10.46
N LEU B 20 8.60 25.72 -11.61
CA LEU B 20 9.51 24.93 -12.42
C LEU B 20 10.74 25.75 -12.80
N GLU B 21 10.52 27.02 -13.11
CA GLU B 21 11.62 27.94 -13.36
C GLU B 21 12.55 28.07 -12.15
N ASN B 22 12.00 28.40 -10.99
CA ASN B 22 12.81 28.59 -9.79
C ASN B 22 13.16 27.29 -9.05
N SER B 23 13.73 26.34 -9.79
CA SER B 23 14.05 25.03 -9.23
C SER B 23 15.27 25.10 -8.32
N PRO B 24 15.45 24.07 -7.48
CA PRO B 24 16.66 23.98 -6.64
C PRO B 24 17.94 23.95 -7.47
N SER B 25 17.87 23.39 -8.67
CA SER B 25 19.05 23.35 -9.52
C SER B 25 19.36 24.73 -10.06
N ARG B 26 18.34 25.54 -10.31
CA ARG B 26 18.52 26.92 -10.76
C ARG B 26 19.29 27.75 -9.73
N ARG B 27 18.90 27.63 -8.46
CA ARG B 27 19.54 28.37 -7.38
C ARG B 27 21.03 28.11 -7.29
N PHE B 28 21.51 27.05 -7.95
CA PHE B 28 22.92 26.70 -7.89
C PHE B 28 23.64 26.89 -9.22
N GLY B 29 22.98 27.55 -10.17
CA GLY B 29 23.61 27.91 -11.43
C GLY B 29 23.03 27.25 -12.67
N VAL B 30 22.69 25.98 -12.55
CA VAL B 30 22.22 25.18 -13.67
C VAL B 30 21.13 25.89 -14.48
N ASP B 31 21.39 26.09 -15.78
CA ASP B 31 20.42 26.71 -16.69
C ASP B 31 19.18 25.85 -16.86
N PRO B 32 18.08 26.47 -17.28
CA PRO B 32 16.80 25.82 -17.57
C PRO B 32 16.91 24.69 -18.58
N ASP B 33 17.74 24.86 -19.60
CA ASP B 33 17.82 23.85 -20.66
C ASP B 33 18.75 22.71 -20.30
N LYS B 34 19.73 23.02 -19.45
CA LYS B 34 20.64 22.03 -18.93
C LYS B 34 19.89 21.11 -17.96
N GLU B 35 19.06 21.71 -17.12
CA GLU B 35 18.26 20.95 -16.16
C GLU B 35 17.33 19.99 -16.89
N LEU B 36 16.62 20.45 -17.91
CA LEU B 36 15.74 19.55 -18.66
C LEU B 36 16.53 18.37 -19.17
N SER B 37 17.76 18.66 -19.58
CA SER B 37 18.67 17.67 -20.12
C SER B 37 19.05 16.60 -19.10
N TYR B 38 19.40 17.04 -17.89
CA TYR B 38 19.78 16.16 -16.81
C TYR B 38 18.66 15.17 -16.43
N ARG B 39 17.41 15.62 -16.56
CA ARG B 39 16.26 14.77 -16.29
C ARG B 39 16.08 13.76 -17.41
N GLN B 40 16.26 14.20 -18.64
CA GLN B 40 16.13 13.30 -19.77
C GLN B 40 17.22 12.24 -19.69
N GLN B 41 18.42 12.64 -19.26
CA GLN B 41 19.51 11.69 -19.08
C GLN B 41 19.22 10.67 -17.98
N ALA B 42 18.63 11.13 -16.88
CA ALA B 42 18.38 10.25 -15.75
C ALA B 42 17.28 9.25 -16.11
N ALA B 43 16.30 9.71 -16.87
CA ALA B 43 15.26 8.84 -17.42
C ALA B 43 15.84 7.77 -18.34
N ASN B 44 16.75 8.16 -19.22
CA ASN B 44 17.39 7.19 -20.10
C ASN B 44 18.14 6.15 -19.30
N LEU B 45 18.83 6.60 -18.26
CA LEU B 45 19.58 5.68 -17.43
C LEU B 45 18.62 4.71 -16.73
N LEU B 46 17.49 5.24 -16.27
CA LEU B 46 16.48 4.38 -15.65
C LEU B 46 15.92 3.35 -16.64
N GLN B 47 15.59 3.79 -17.85
CA GLN B 47 15.09 2.87 -18.87
C GLN B 47 16.12 1.81 -19.24
N ASP B 48 17.38 2.20 -19.33
CA ASP B 48 18.44 1.23 -19.66
C ASP B 48 18.61 0.18 -18.54
N MET B 49 18.89 0.62 -17.31
CA MET B 49 19.02 -0.32 -16.21
C MET B 49 17.73 -1.14 -16.07
N GLY B 50 16.60 -0.50 -16.32
CA GLY B 50 15.31 -1.13 -16.15
C GLY B 50 15.10 -2.32 -17.06
N GLN B 51 15.50 -2.18 -18.31
CA GLN B 51 15.33 -3.25 -19.28
C GLN B 51 16.28 -4.42 -19.01
N ARG B 52 17.52 -4.11 -18.60
CA ARG B 52 18.49 -5.15 -18.25
C ARG B 52 18.17 -5.88 -16.95
N LEU B 53 17.55 -5.18 -16.00
CA LEU B 53 17.14 -5.82 -14.75
C LEU B 53 15.82 -6.55 -14.93
N ASN B 54 15.23 -6.39 -16.11
CA ASN B 54 13.99 -7.08 -16.46
C ASN B 54 12.86 -6.72 -15.52
N VAL B 55 12.66 -5.42 -15.33
CA VAL B 55 11.51 -4.94 -14.60
C VAL B 55 10.58 -4.33 -15.65
N SER B 56 9.37 -3.98 -15.24
CA SER B 56 8.35 -3.52 -16.20
C SER B 56 8.47 -2.03 -16.50
N GLN B 57 7.84 -1.60 -17.59
CA GLN B 57 7.80 -0.17 -17.90
C GLN B 57 7.14 0.62 -16.77
N LEU B 58 6.26 -0.03 -16.03
CA LEU B 58 5.60 0.61 -14.91
C LEU B 58 6.60 0.90 -13.79
N THR B 59 7.43 -0.09 -13.47
CA THR B 59 8.43 0.11 -12.44
C THR B 59 9.35 1.26 -12.84
N ILE B 60 9.75 1.28 -14.10
CA ILE B 60 10.59 2.35 -14.60
C ILE B 60 9.90 3.74 -14.56
N ASN B 61 8.64 3.80 -14.96
CA ASN B 61 7.90 5.05 -14.95
C ASN B 61 7.80 5.59 -13.52
N THR B 62 7.62 4.69 -12.57
CA THR B 62 7.55 5.08 -11.18
C THR B 62 8.88 5.66 -10.74
N ALA B 63 9.98 4.96 -11.05
CA ALA B 63 11.33 5.49 -10.85
C ALA B 63 11.53 6.89 -11.43
N ILE B 64 11.11 7.08 -12.69
CA ILE B 64 11.23 8.38 -13.34
C ILE B 64 10.49 9.53 -12.62
N VAL B 65 9.25 9.28 -12.21
CA VAL B 65 8.50 10.24 -11.40
C VAL B 65 9.17 10.49 -10.04
N TYR B 66 9.76 9.46 -9.41
CA TYR B 66 10.50 9.69 -8.16
C TYR B 66 11.63 10.68 -8.42
N MET B 67 12.41 10.40 -9.47
CA MET B 67 13.50 11.25 -9.90
C MET B 67 13.00 12.67 -10.14
N HIS B 68 11.93 12.79 -10.92
CA HIS B 68 11.36 14.10 -11.22
C HIS B 68 11.01 14.91 -9.96
N ARG B 69 10.30 14.29 -9.03
CA ARG B 69 9.90 14.97 -7.82
C ARG B 69 11.11 15.27 -6.94
N PHE B 70 12.03 14.31 -6.85
CA PHE B 70 13.25 14.48 -6.07
C PHE B 70 14.00 15.77 -6.46
N TYR B 71 14.05 16.08 -7.76
CA TYR B 71 14.78 17.28 -8.20
C TYR B 71 13.98 18.58 -8.18
N MET B 72 12.79 18.53 -7.58
CA MET B 72 12.02 19.75 -7.30
C MET B 72 12.28 20.18 -5.86
N ILE B 73 13.02 19.35 -5.15
CA ILE B 73 13.39 19.60 -3.77
C ILE B 73 14.92 19.67 -3.67
N GLN B 74 15.60 18.67 -4.24
CA GLN B 74 17.06 18.63 -4.26
C GLN B 74 17.61 19.15 -5.59
N SER B 75 18.91 19.46 -5.60
CA SER B 75 19.54 19.99 -6.79
C SER B 75 20.47 19.00 -7.49
N PHE B 76 20.50 19.08 -8.82
CA PHE B 76 21.44 18.31 -9.63
C PHE B 76 22.92 18.57 -9.31
N THR B 77 23.25 19.73 -8.74
CA THR B 77 24.65 20.03 -8.40
C THR B 77 25.12 19.33 -7.15
N ARG B 78 24.19 18.89 -6.30
CA ARG B 78 24.60 18.15 -5.12
C ARG B 78 24.31 16.66 -5.27
N PHE B 79 23.25 16.34 -6.01
CA PHE B 79 22.85 14.95 -6.22
C PHE B 79 22.83 14.60 -7.70
N PRO B 80 23.94 14.03 -8.18
CA PRO B 80 24.14 13.61 -9.57
C PRO B 80 23.14 12.53 -9.99
N GLY B 81 22.50 12.71 -11.14
CA GLY B 81 21.49 11.78 -11.61
C GLY B 81 21.99 10.36 -11.72
N ASN B 82 23.29 10.21 -11.95
CA ASN B 82 23.87 8.87 -12.11
C ASN B 82 23.96 8.12 -10.79
N SER B 83 23.82 8.87 -9.69
CA SER B 83 23.82 8.27 -8.35
C SER B 83 22.41 8.06 -7.87
N VAL B 84 21.55 9.02 -8.19
CA VAL B 84 20.16 9.00 -7.78
C VAL B 84 19.34 7.96 -8.53
N ALA B 85 19.52 7.86 -9.85
CA ALA B 85 18.67 6.99 -10.66
C ALA B 85 18.68 5.52 -10.23
N PRO B 86 19.88 4.93 -10.07
CA PRO B 86 19.95 3.56 -9.59
C PRO B 86 19.22 3.38 -8.25
N ALA B 87 19.40 4.30 -7.32
CA ALA B 87 18.72 4.21 -6.04
C ALA B 87 17.20 4.37 -6.17
N ALA B 88 16.76 5.26 -7.07
CA ALA B 88 15.35 5.45 -7.36
C ALA B 88 14.75 4.18 -7.94
N LEU B 89 15.43 3.58 -8.91
CA LEU B 89 14.99 2.32 -9.48
C LEU B 89 14.91 1.19 -8.46
N PHE B 90 15.89 1.15 -7.56
CA PHE B 90 15.97 0.13 -6.53
C PHE B 90 14.76 0.20 -5.60
N LEU B 91 14.34 1.43 -5.29
CA LEU B 91 13.18 1.73 -4.48
C LEU B 91 11.87 1.43 -5.20
N ALA B 92 11.77 1.90 -6.44
CA ALA B 92 10.58 1.67 -7.26
C ALA B 92 10.27 0.19 -7.47
N ALA B 93 11.32 -0.61 -7.68
CA ALA B 93 11.14 -2.05 -7.86
C ALA B 93 10.57 -2.69 -6.59
N LYS B 94 10.98 -2.21 -5.42
CA LYS B 94 10.43 -2.73 -4.16
C LYS B 94 8.99 -2.28 -4.00
N VAL B 95 8.74 -1.00 -4.23
CA VAL B 95 7.39 -0.48 -4.15
C VAL B 95 6.44 -1.16 -5.13
N GLU B 96 6.92 -1.45 -6.35
CA GLU B 96 6.02 -1.94 -7.39
C GLU B 96 5.88 -3.47 -7.48
N GLY B 97 6.52 -4.20 -6.55
CA GLY B 97 6.36 -5.64 -6.50
C GLY B 97 7.41 -6.49 -7.19
N GLN B 98 8.41 -5.86 -7.79
CA GLN B 98 9.46 -6.58 -8.49
C GLN B 98 10.81 -6.34 -7.84
N PRO B 99 10.95 -6.67 -6.56
CA PRO B 99 12.20 -6.34 -5.87
C PRO B 99 13.39 -6.90 -6.61
N LYS B 100 14.46 -6.12 -6.71
CA LYS B 100 15.72 -6.56 -7.26
C LYS B 100 16.72 -6.47 -6.12
N LYS B 101 17.72 -7.36 -6.10
CA LYS B 101 18.71 -7.35 -5.03
C LYS B 101 19.66 -6.18 -5.16
N LEU B 102 20.05 -5.64 -4.03
CA LEU B 102 20.97 -4.51 -3.97
C LEU B 102 22.24 -4.73 -4.78
N GLU B 103 22.85 -5.91 -4.64
CA GLU B 103 24.06 -6.19 -5.41
C GLU B 103 23.77 -6.18 -6.92
N HIS B 104 22.64 -6.77 -7.28
CA HIS B 104 22.23 -6.84 -8.68
C HIS B 104 22.02 -5.45 -9.30
N VAL B 105 21.38 -4.54 -8.57
CA VAL B 105 21.18 -3.20 -9.10
C VAL B 105 22.51 -2.46 -9.23
N ILE B 106 23.42 -2.72 -8.32
CA ILE B 106 24.73 -2.09 -8.39
C ILE B 106 25.59 -2.60 -9.56
N LYS B 107 25.61 -3.92 -9.78
CA LYS B 107 26.28 -4.48 -10.95
C LYS B 107 25.76 -3.89 -12.25
N VAL B 108 24.44 -3.76 -12.35
CA VAL B 108 23.82 -3.26 -13.57
C VAL B 108 24.02 -1.76 -13.76
N ALA B 109 23.95 -1.00 -12.67
CA ALA B 109 24.28 0.41 -12.76
C ALA B 109 25.71 0.59 -13.27
N HIS B 110 26.62 -0.23 -12.76
CA HIS B 110 28.03 -0.14 -13.13
C HIS B 110 28.27 -0.38 -14.62
N THR B 111 27.72 -1.47 -15.15
CA THR B 111 27.89 -1.82 -16.56
C THR B 111 27.25 -0.77 -17.48
N CYS B 112 26.23 -0.08 -17.01
CA CYS B 112 25.59 0.97 -17.83
C CYS B 112 26.43 2.25 -17.87
N LEU B 113 27.12 2.53 -16.77
CA LEU B 113 27.80 3.80 -16.59
C LEU B 113 29.28 3.69 -16.91
N HIS B 114 29.80 2.47 -16.82
CA HIS B 114 31.21 2.21 -17.10
C HIS B 114 31.31 0.90 -17.87
N PRO B 115 30.82 0.91 -19.11
CA PRO B 115 30.71 -0.25 -20.00
C PRO B 115 32.01 -1.00 -20.15
N GLN B 116 33.13 -0.27 -20.09
CA GLN B 116 34.44 -0.82 -20.33
C GLN B 116 35.17 -1.18 -19.04
N GLU B 117 34.81 -0.53 -17.94
CA GLU B 117 35.42 -0.84 -16.64
C GLU B 117 35.12 -2.27 -16.20
N SER B 118 35.69 -2.66 -15.07
CA SER B 118 35.62 -4.03 -14.61
C SER B 118 34.89 -4.12 -13.26
N LEU B 119 33.94 -5.04 -13.15
CA LEU B 119 33.21 -5.24 -11.90
C LEU B 119 34.20 -5.32 -10.74
N PRO B 120 34.13 -4.36 -9.81
CA PRO B 120 35.08 -4.31 -8.69
C PRO B 120 34.97 -5.57 -7.83
N ASP B 121 36.06 -5.90 -7.14
CA ASP B 121 36.07 -7.04 -6.22
C ASP B 121 34.97 -6.84 -5.18
N THR B 122 34.02 -7.76 -5.12
CA THR B 122 32.88 -7.61 -4.21
C THR B 122 33.29 -7.65 -2.74
N ARG B 123 34.59 -7.78 -2.48
CA ARG B 123 35.09 -7.84 -1.11
C ARG B 123 35.83 -6.57 -0.73
N SER B 124 36.09 -5.71 -1.70
CA SER B 124 36.87 -4.49 -1.48
C SER B 124 36.15 -3.47 -0.60
N GLU B 125 36.92 -2.59 0.03
CA GLU B 125 36.37 -1.52 0.84
C GLU B 125 35.82 -0.42 -0.07
N ALA B 126 36.17 -0.49 -1.35
CA ALA B 126 35.68 0.45 -2.33
C ALA B 126 34.24 0.11 -2.72
N TYR B 127 34.02 -1.17 -3.02
CA TYR B 127 32.70 -1.66 -3.40
C TYR B 127 31.73 -1.64 -2.22
N LEU B 128 32.16 -2.16 -1.08
CA LEU B 128 31.35 -2.10 0.13
C LEU B 128 30.79 -0.69 0.36
N GLN B 129 31.58 0.30 0.00
CA GLN B 129 31.20 1.68 0.19
C GLN B 129 30.13 2.13 -0.80
N GLN B 130 30.25 1.69 -2.05
CA GLN B 130 29.29 2.13 -3.06
C GLN B 130 27.96 1.38 -2.92
N VAL B 131 27.95 0.36 -2.07
CA VAL B 131 26.70 -0.27 -1.66
C VAL B 131 26.03 0.58 -0.59
N GLN B 132 26.81 0.96 0.41
CA GLN B 132 26.36 1.89 1.44
C GLN B 132 25.87 3.21 0.87
N ASP B 133 26.50 3.67 -0.20
CA ASP B 133 26.11 4.93 -0.81
C ASP B 133 24.71 4.83 -1.42
N LEU B 134 24.38 3.67 -1.97
CA LEU B 134 23.05 3.47 -2.57
C LEU B 134 21.95 3.34 -1.52
N VAL B 135 22.27 2.69 -0.41
CA VAL B 135 21.34 2.59 0.70
C VAL B 135 21.10 3.95 1.39
N ILE B 136 22.15 4.75 1.54
CA ILE B 136 22.01 6.13 1.99
C ILE B 136 21.14 7.00 1.07
N LEU B 137 21.30 6.86 -0.24
CA LEU B 137 20.49 7.61 -1.21
C LEU B 137 19.02 7.21 -1.21
N GLU B 138 18.74 5.92 -1.07
CA GLU B 138 17.36 5.45 -1.01
C GLU B 138 16.67 6.07 0.19
N SER B 139 17.40 6.17 1.29
CA SER B 139 16.86 6.80 2.48
C SER B 139 16.64 8.30 2.24
N ILE B 140 17.55 8.94 1.53
CA ILE B 140 17.39 10.36 1.21
C ILE B 140 16.21 10.59 0.26
N ILE B 141 16.05 9.71 -0.72
CA ILE B 141 14.90 9.80 -1.61
C ILE B 141 13.57 9.64 -0.86
N LEU B 142 13.50 8.64 0.01
CA LEU B 142 12.29 8.41 0.82
C LEU B 142 11.90 9.63 1.63
N GLN B 143 12.86 10.18 2.36
CA GLN B 143 12.62 11.35 3.18
C GLN B 143 12.26 12.58 2.34
N THR B 144 12.95 12.76 1.21
CA THR B 144 12.64 13.86 0.31
C THR B 144 11.20 13.77 -0.23
N LEU B 145 10.77 12.56 -0.58
CA LEU B 145 9.39 12.38 -1.04
C LEU B 145 8.38 12.30 0.12
N GLY B 146 8.86 12.40 1.35
CA GLY B 146 7.96 12.35 2.49
C GLY B 146 7.21 11.02 2.50
N PHE B 147 7.90 9.99 2.04
CA PHE B 147 7.38 8.63 2.02
C PHE B 147 6.14 8.38 1.17
N GLU B 148 5.85 9.32 0.28
CA GLU B 148 4.73 9.21 -0.67
C GLU B 148 5.19 8.49 -1.94
N LEU B 149 5.02 7.17 -1.96
CA LEU B 149 5.59 6.34 -3.02
C LEU B 149 4.56 5.74 -3.96
N THR B 150 3.30 6.08 -3.73
CA THR B 150 2.22 5.54 -4.53
C THR B 150 1.93 6.47 -5.68
N ILE B 151 2.24 6.01 -6.88
CA ILE B 151 2.22 6.89 -8.02
C ILE B 151 1.11 6.52 -8.99
N ASP B 152 0.37 7.52 -9.46
CA ASP B 152 -0.62 7.30 -10.51
C ASP B 152 0.02 7.70 -11.83
N HIS B 153 -0.07 6.82 -12.84
CA HIS B 153 0.50 7.11 -14.16
C HIS B 153 -0.57 7.34 -15.21
N PRO B 154 -0.25 8.16 -16.23
CA PRO B 154 -1.21 8.50 -17.28
C PRO B 154 -1.72 7.26 -17.98
N HIS B 155 -0.93 6.19 -17.98
CA HIS B 155 -1.30 4.97 -18.69
C HIS B 155 -2.60 4.39 -18.14
N THR B 156 -2.73 4.38 -16.82
CA THR B 156 -3.92 3.84 -16.16
C THR B 156 -5.17 4.34 -16.85
N HIS B 157 -5.15 5.62 -17.20
CA HIS B 157 -6.32 6.30 -17.76
C HIS B 157 -6.36 6.23 -19.28
N VAL B 158 -5.35 5.65 -19.90
CA VAL B 158 -5.32 5.62 -21.36
C VAL B 158 -6.30 4.61 -21.91
N VAL B 159 -6.31 3.40 -21.34
CA VAL B 159 -7.28 2.40 -21.79
C VAL B 159 -8.73 2.89 -21.62
N LYS B 160 -8.95 3.68 -20.58
CA LYS B 160 -10.27 4.26 -20.28
C LYS B 160 -10.84 5.11 -21.42
N CYS B 161 -9.98 5.77 -22.17
CA CYS B 161 -10.44 6.70 -23.21
C CYS B 161 -9.97 6.34 -24.62
N THR B 162 -9.50 5.11 -24.80
CA THR B 162 -9.18 4.60 -26.12
C THR B 162 -10.23 3.59 -26.54
N GLN B 163 -10.99 3.11 -25.56
CA GLN B 163 -12.21 2.36 -25.83
C GLN B 163 -13.31 3.39 -26.09
N LEU B 164 -13.11 4.61 -25.59
CA LEU B 164 -14.07 5.69 -25.77
C LEU B 164 -13.98 6.31 -27.15
N VAL B 165 -13.02 5.86 -27.94
CA VAL B 165 -12.90 6.32 -29.32
C VAL B 165 -12.79 5.12 -30.29
N ARG B 166 -13.14 3.94 -29.75
CA ARG B 166 -13.09 2.67 -30.49
C ARG B 166 -11.83 2.57 -31.33
N ALA B 167 -10.77 3.21 -30.85
CA ALA B 167 -9.51 3.28 -31.56
C ALA B 167 -8.96 1.89 -31.85
N SER B 168 -8.26 1.75 -32.97
CA SER B 168 -7.60 0.49 -33.30
C SER B 168 -6.52 0.15 -32.27
N LYS B 169 -5.97 -1.05 -32.36
CA LYS B 169 -4.92 -1.46 -31.44
C LYS B 169 -3.71 -0.57 -31.66
N ASP B 170 -3.53 -0.13 -32.89
CA ASP B 170 -2.43 0.75 -33.25
C ASP B 170 -2.54 2.13 -32.59
N LEU B 171 -3.73 2.72 -32.59
CA LEU B 171 -3.90 4.02 -31.96
C LEU B 171 -3.61 3.91 -30.47
N ALA B 172 -4.09 2.84 -29.85
CA ALA B 172 -3.85 2.62 -28.43
C ALA B 172 -2.34 2.48 -28.10
N GLN B 173 -1.64 1.67 -28.87
CA GLN B 173 -0.22 1.47 -28.62
C GLN B 173 0.61 2.74 -28.84
N THR B 174 0.14 3.60 -29.73
CA THR B 174 0.78 4.90 -29.94
C THR B 174 0.54 5.82 -28.74
N SER B 175 -0.63 5.73 -28.14
CA SER B 175 -0.97 6.51 -26.95
C SER B 175 -0.12 6.17 -25.72
N TYR B 176 0.17 4.88 -25.55
CA TYR B 176 1.05 4.45 -24.48
C TYR B 176 2.45 4.93 -24.74
N PHE B 177 2.85 4.90 -26.00
CA PHE B 177 4.16 5.36 -26.39
C PHE B 177 4.30 6.84 -26.08
N MET B 178 3.27 7.63 -26.40
CA MET B 178 3.26 9.05 -26.04
C MET B 178 3.32 9.21 -24.54
N ALA B 179 2.61 8.36 -23.82
CA ALA B 179 2.55 8.43 -22.36
C ALA B 179 3.93 8.24 -21.75
N THR B 180 4.58 7.12 -22.12
CA THR B 180 5.91 6.80 -21.63
C THR B 180 6.93 7.86 -22.02
N ASN B 181 6.74 8.43 -23.20
CA ASN B 181 7.68 9.43 -23.66
C ASN B 181 7.51 10.79 -23.03
N SER B 182 6.30 11.09 -22.57
CA SER B 182 6.08 12.33 -21.85
C SER B 182 6.88 12.31 -20.55
N LEU B 183 6.99 11.15 -19.91
CA LEU B 183 7.75 11.03 -18.67
C LEU B 183 9.24 11.25 -18.89
N HIS B 184 9.76 10.72 -20.00
CA HIS B 184 11.18 10.85 -20.30
C HIS B 184 11.53 12.26 -20.74
N LEU B 185 10.66 12.85 -21.54
CA LEU B 185 11.00 14.06 -22.29
C LEU B 185 10.45 15.37 -21.73
N THR B 186 9.41 15.30 -20.92
CA THR B 186 8.79 16.53 -20.41
C THR B 186 8.76 16.51 -18.91
N THR B 187 8.15 17.54 -18.35
CA THR B 187 7.90 17.56 -16.91
C THR B 187 6.41 17.64 -16.63
N PHE B 188 5.59 17.14 -17.56
CA PHE B 188 4.14 17.12 -17.37
C PHE B 188 3.71 16.49 -16.04
N SER B 189 4.45 15.46 -15.60
CA SER B 189 4.13 14.75 -14.36
C SER B 189 4.23 15.64 -13.12
N LEU B 190 4.87 16.81 -13.30
CA LEU B 190 5.00 17.79 -12.23
C LEU B 190 4.00 18.94 -12.38
N GLN B 191 3.28 18.98 -13.50
CA GLN B 191 2.37 20.11 -13.75
C GLN B 191 0.92 19.69 -13.91
N TYR B 192 0.71 18.52 -14.49
CA TYR B 192 -0.64 18.08 -14.79
C TYR B 192 -0.98 16.68 -14.24
N THR B 193 -2.20 16.53 -13.75
CA THR B 193 -2.67 15.25 -13.24
C THR B 193 -2.61 14.17 -14.32
N PRO B 194 -2.45 12.92 -13.91
CA PRO B 194 -2.35 11.82 -14.87
C PRO B 194 -3.51 11.76 -15.86
N PRO B 195 -4.74 12.03 -15.41
CA PRO B 195 -5.85 12.00 -16.38
C PRO B 195 -5.69 13.02 -17.51
N VAL B 196 -5.30 14.25 -17.18
CA VAL B 196 -4.99 15.25 -18.20
C VAL B 196 -3.84 14.84 -19.12
N VAL B 197 -2.73 14.35 -18.56
CA VAL B 197 -1.62 13.92 -19.39
C VAL B 197 -2.07 12.81 -20.36
N ALA B 198 -2.94 11.93 -19.90
CA ALA B 198 -3.48 10.87 -20.75
C ALA B 198 -4.27 11.42 -21.94
N CYS B 199 -5.02 12.49 -21.72
CA CYS B 199 -5.76 13.10 -22.83
C CYS B 199 -4.79 13.68 -23.83
N VAL B 200 -3.79 14.41 -23.34
CA VAL B 200 -2.78 14.98 -24.21
C VAL B 200 -2.20 13.88 -25.09
N CYS B 201 -2.02 12.69 -24.52
CA CYS B 201 -1.41 11.57 -25.24
C CYS B 201 -2.31 10.96 -26.30
N ILE B 202 -3.59 10.75 -25.96
CA ILE B 202 -4.57 10.37 -26.98
C ILE B 202 -4.68 11.46 -28.06
N HIS B 203 -4.86 12.70 -27.64
CA HIS B 203 -5.06 13.78 -28.59
C HIS B 203 -3.93 13.83 -29.63
N LEU B 204 -2.70 13.60 -29.20
CA LEU B 204 -1.57 13.66 -30.13
C LEU B 204 -1.41 12.38 -30.92
N ALA B 205 -1.68 11.24 -30.30
CA ALA B 205 -1.67 9.98 -31.04
C ALA B 205 -2.71 10.02 -32.18
N CYS B 206 -3.81 10.71 -31.92
CA CYS B 206 -4.84 10.89 -32.94
C CYS B 206 -4.35 11.81 -34.07
N LYS B 207 -3.81 12.98 -33.70
CA LYS B 207 -3.26 13.89 -34.70
C LYS B 207 -2.21 13.21 -35.57
N TRP B 208 -1.33 12.44 -34.93
CA TRP B 208 -0.23 11.75 -35.59
C TRP B 208 -0.74 10.63 -36.51
N SER B 209 -1.78 9.92 -36.10
CA SER B 209 -2.31 8.79 -36.88
C SER B 209 -3.39 9.21 -37.87
N ASN B 210 -3.73 10.49 -37.85
CA ASN B 210 -4.79 11.05 -38.69
C ASN B 210 -6.16 10.41 -38.44
N TRP B 211 -6.30 9.81 -37.27
CA TRP B 211 -7.58 9.30 -36.79
C TRP B 211 -8.40 10.48 -36.26
N GLU B 212 -9.56 10.73 -36.86
CA GLU B 212 -10.43 11.80 -36.38
C GLU B 212 -11.55 11.24 -35.52
N ILE B 213 -11.79 11.90 -34.39
CA ILE B 213 -12.78 11.47 -33.43
C ILE B 213 -14.17 11.97 -33.78
N PRO B 214 -15.18 11.08 -33.70
CA PRO B 214 -16.57 11.44 -34.00
C PRO B 214 -17.19 12.25 -32.86
N VAL B 215 -17.89 13.32 -33.20
CA VAL B 215 -18.56 14.14 -32.20
C VAL B 215 -19.58 13.31 -31.42
N SER B 216 -19.55 13.42 -30.09
CA SER B 216 -20.47 12.69 -29.23
C SER B 216 -21.92 12.99 -29.61
N THR B 217 -22.85 12.24 -29.02
CA THR B 217 -24.28 12.41 -29.30
C THR B 217 -24.82 13.75 -28.80
N ASP B 218 -24.24 14.25 -27.70
CA ASP B 218 -24.65 15.52 -27.11
C ASP B 218 -24.10 16.72 -27.89
N GLY B 219 -22.91 16.54 -28.45
CA GLY B 219 -22.16 17.62 -29.05
C GLY B 219 -20.83 17.77 -28.35
N LYS B 220 -20.74 17.20 -27.15
CA LYS B 220 -19.51 17.22 -26.35
C LYS B 220 -18.41 16.35 -26.96
N HIS B 221 -17.18 16.52 -26.48
CA HIS B 221 -16.03 15.83 -27.07
C HIS B 221 -15.50 14.71 -26.18
N TRP B 222 -14.78 13.76 -26.79
CA TRP B 222 -14.34 12.53 -26.12
C TRP B 222 -13.63 12.71 -24.77
N TRP B 223 -12.96 13.83 -24.58
CA TRP B 223 -12.15 14.04 -23.39
C TRP B 223 -12.96 14.49 -22.17
N GLU B 224 -14.11 15.10 -22.42
CA GLU B 224 -15.00 15.58 -21.36
C GLU B 224 -15.31 14.44 -20.39
N TYR B 225 -15.38 13.23 -20.92
CA TYR B 225 -15.67 12.04 -20.12
C TYR B 225 -14.40 11.46 -19.52
N VAL B 226 -13.41 12.33 -19.25
CA VAL B 226 -12.15 11.89 -18.66
C VAL B 226 -11.61 12.87 -17.61
N ASP B 227 -11.63 14.15 -17.92
CA ASP B 227 -11.34 15.17 -16.91
C ASP B 227 -12.06 16.48 -17.21
N ALA B 228 -12.86 16.92 -16.25
CA ALA B 228 -13.73 18.09 -16.42
C ALA B 228 -12.93 19.36 -16.67
N THR B 229 -11.66 19.36 -16.26
CA THR B 229 -10.83 20.56 -16.34
C THR B 229 -10.25 20.78 -17.75
N VAL B 230 -10.13 19.69 -18.51
CA VAL B 230 -9.46 19.73 -19.81
C VAL B 230 -10.25 20.50 -20.87
N THR B 231 -9.54 21.42 -21.54
CA THR B 231 -10.10 22.20 -22.64
C THR B 231 -9.21 22.11 -23.86
N LEU B 232 -9.80 22.16 -25.05
CA LEU B 232 -9.05 22.09 -26.29
C LEU B 232 -7.90 23.10 -26.38
N GLU B 233 -8.05 24.26 -25.75
CA GLU B 233 -7.01 25.28 -25.79
C GLU B 233 -5.72 24.77 -25.15
N LEU B 234 -5.88 23.94 -24.12
CA LEU B 234 -4.76 23.34 -23.41
C LEU B 234 -4.24 22.13 -24.18
N LEU B 235 -5.13 21.21 -24.52
CA LEU B 235 -4.74 20.04 -25.31
C LEU B 235 -3.86 20.39 -26.52
N ASP B 236 -4.16 21.48 -27.21
CA ASP B 236 -3.36 21.87 -28.38
C ASP B 236 -2.00 22.46 -27.96
N GLU B 237 -1.97 23.21 -26.85
CA GLU B 237 -0.72 23.78 -26.36
C GLU B 237 0.20 22.67 -25.86
N LEU B 238 -0.36 21.69 -25.17
CA LEU B 238 0.40 20.58 -24.62
C LEU B 238 0.88 19.56 -25.66
N THR B 239 0.02 19.22 -26.62
CA THR B 239 0.39 18.27 -27.67
C THR B 239 1.43 18.87 -28.59
N HIS B 240 1.44 20.20 -28.66
CA HIS B 240 2.43 20.89 -29.46
C HIS B 240 3.78 20.87 -28.76
N GLU B 241 3.77 21.11 -27.45
CA GLU B 241 5.01 21.08 -26.67
C GLU B 241 5.61 19.67 -26.67
N LEU B 242 4.78 18.67 -26.44
CA LEU B 242 5.19 17.27 -26.49
C LEU B 242 5.75 16.91 -27.87
N LEU B 243 5.07 17.37 -28.91
CA LEU B 243 5.52 17.07 -30.27
C LEU B 243 6.87 17.68 -30.59
N GLN B 244 7.13 18.89 -30.11
CA GLN B 244 8.38 19.57 -30.41
C GLN B 244 9.56 18.83 -29.83
N ILE B 245 9.41 18.35 -28.60
CA ILE B 245 10.49 17.64 -27.92
C ILE B 245 10.73 16.30 -28.59
N LEU B 246 9.65 15.67 -29.05
CA LEU B 246 9.75 14.38 -29.75
C LEU B 246 10.55 14.52 -31.03
N GLU B 247 10.37 15.66 -31.72
CA GLU B 247 11.11 15.95 -32.95
C GLU B 247 12.60 16.21 -32.72
N LYS B 248 12.94 16.63 -31.51
CA LYS B 248 14.33 16.93 -31.16
C LYS B 248 15.04 15.67 -30.71
N THR B 249 14.25 14.64 -30.41
CA THR B 249 14.79 13.38 -29.89
C THR B 249 15.06 12.39 -31.02
N PRO B 250 16.34 12.15 -31.29
CA PRO B 250 16.75 11.33 -32.44
C PRO B 250 16.14 9.93 -32.42
N ASN B 251 15.55 9.53 -33.54
CA ASN B 251 14.97 8.19 -33.76
C ASN B 251 13.68 7.84 -33.04
N ARG B 252 13.14 8.74 -32.24
CA ARG B 252 11.95 8.37 -31.47
C ARG B 252 10.73 8.29 -32.32
N LEU B 253 10.48 9.33 -33.10
CA LEU B 253 9.28 9.37 -33.93
C LEU B 253 9.31 8.21 -34.92
N LYS B 254 10.51 7.86 -35.38
CA LYS B 254 10.71 6.70 -36.25
C LYS B 254 9.94 5.45 -35.77
N ARG B 255 9.95 5.21 -34.46
CA ARG B 255 9.29 4.04 -33.86
C ARG B 255 7.79 3.97 -34.07
N ILE B 256 7.13 5.12 -34.14
CA ILE B 256 5.70 5.16 -34.41
C ILE B 256 5.35 5.67 -35.82
N TRP B 257 6.35 5.73 -36.70
CA TRP B 257 6.17 6.34 -38.02
C TRP B 257 5.69 5.32 -39.03
N ASN B 258 4.67 5.68 -39.80
CA ASN B 258 4.13 4.83 -40.84
C ASN B 258 4.94 4.83 -42.14
N TRP B 259 5.73 3.79 -42.29
CA TRP B 259 6.72 3.68 -43.36
C TRP B 259 6.10 3.24 -44.69
N ARG B 260 4.81 2.92 -44.67
CA ARG B 260 4.16 2.36 -45.86
C ARG B 260 3.77 3.43 -46.87
#